data_3SEC
#
_entry.id   3SEC
#
_cell.length_a   58.244
_cell.length_b   103.574
_cell.length_c   73.739
_cell.angle_alpha   90.00
_cell.angle_beta   90.00
_cell.angle_gamma   90.00
#
_symmetry.space_group_name_H-M   'C 2 2 21'
#
loop_
_entity.id
_entity.type
_entity.pdbx_description
1 polymer "Orotidine 5'-phosphate decarboxylase"
2 non-polymer GLYCEROL
3 non-polymer (1S)-1,4-anhydro-1-(5-carbamoyl-4-hydroxy-1H-pyrazol-3-yl)-5-O-phosphono-D-ribitol
4 water water
#
_entity_poly.entity_id   1
_entity_poly.type   'polypeptide(L)'
_entity_poly.pdbx_seq_one_letter_code
;MRSRRVDVMDVMNRLILAMDLMNRDDALRVTGEVREYIDTVKIGYPLVLSEGMDIIAEFRKRFGCRIIADFKVADIPETN
EKICRATFKAGADAIIVHGFPGADSVRACLNVAEEMGREVFLLTEMSHPGAEMFIQGAADEIARMGVDLGVKNYVGPSTR
PERLSRLREIIGQDSFLISPGVGAQGGDPGETLRFADAIIVGRSIYLADNPAAAAAGIIESIKDLLIPEDPAANKARKEA
ELAAATA
;
_entity_poly.pdbx_strand_id   A
#
loop_
_chem_comp.id
_chem_comp.type
_chem_comp.name
_chem_comp.formula
GOL non-polymer GLYCEROL 'C3 H8 O3'
PFU non-polymer (1S)-1,4-anhydro-1-(5-carbamoyl-4-hydroxy-1H-pyrazol-3-yl)-5-O-phosphono-D-ribitol 'C9 H14 N3 O9 P'
#
# COMPACT_ATOMS: atom_id res chain seq x y z
N VAL A 11 -3.97 -10.62 -4.16
CA VAL A 11 -2.63 -10.95 -3.60
C VAL A 11 -2.70 -12.26 -2.81
N MET A 12 -1.62 -13.01 -2.80
CA MET A 12 -1.66 -14.34 -2.20
C MET A 12 -2.06 -14.23 -0.75
N ASN A 13 -3.10 -14.97 -0.40
CA ASN A 13 -3.58 -15.03 0.98
C ASN A 13 -4.16 -13.71 1.49
N ARG A 14 -4.35 -12.74 0.58
N ARG A 14 -4.33 -12.74 0.59
CA ARG A 14 -4.92 -11.44 0.94
CA ARG A 14 -4.90 -11.43 0.92
C ARG A 14 -4.04 -10.68 1.94
C ARG A 14 -4.03 -10.69 1.93
N LEU A 15 -2.76 -11.07 1.98
CA LEU A 15 -1.81 -10.50 2.95
C LEU A 15 -0.58 -9.90 2.28
N ILE A 16 -0.31 -8.62 2.57
CA ILE A 16 0.81 -7.86 2.03
C ILE A 16 1.74 -7.55 3.20
N LEU A 17 3.01 -7.89 3.04
CA LEU A 17 3.98 -7.63 4.11
C LEU A 17 4.47 -6.19 3.97
N ALA A 18 4.39 -5.41 5.03
CA ALA A 18 5.01 -4.09 5.04
C ALA A 18 6.44 -4.25 5.57
N MET A 19 7.41 -4.21 4.67
CA MET A 19 8.80 -4.42 5.10
C MET A 19 9.51 -3.12 5.45
N ASP A 20 9.40 -2.76 6.73
CA ASP A 20 9.95 -1.49 7.24
C ASP A 20 11.17 -1.69 8.15
N LEU A 21 11.77 -2.88 8.14
CA LEU A 21 13.12 -3.00 8.70
C LEU A 21 14.09 -2.14 7.90
N MET A 22 15.14 -1.67 8.56
CA MET A 22 16.00 -0.67 7.92
C MET A 22 17.38 -1.17 7.61
N ASN A 23 17.58 -2.47 7.70
CA ASN A 23 18.82 -3.03 7.18
C ASN A 23 18.55 -4.22 6.27
N ARG A 24 19.33 -4.25 5.20
CA ARG A 24 19.10 -5.17 4.12
C ARG A 24 19.15 -6.63 4.61
N ASP A 25 20.07 -6.96 5.51
CA ASP A 25 20.21 -8.35 5.92
C ASP A 25 18.95 -8.84 6.65
N ASP A 26 18.47 -8.03 7.59
CA ASP A 26 17.27 -8.38 8.36
C ASP A 26 16.05 -8.40 7.43
N ALA A 27 15.96 -7.39 6.56
CA ALA A 27 14.82 -7.30 5.65
C ALA A 27 14.73 -8.50 4.70
N LEU A 28 15.88 -8.90 4.16
CA LEU A 28 15.96 -10.09 3.30
C LEU A 28 15.60 -11.36 4.05
N ARG A 29 16.09 -11.48 5.28
CA ARG A 29 15.85 -12.69 6.09
C ARG A 29 14.36 -12.85 6.38
N VAL A 30 13.72 -11.80 6.89
CA VAL A 30 12.31 -11.89 7.25
C VAL A 30 11.45 -12.15 5.99
N THR A 31 11.72 -11.39 4.92
CA THR A 31 10.94 -11.58 3.69
C THR A 31 11.06 -13.02 3.17
N GLY A 32 12.26 -13.57 3.21
CA GLY A 32 12.48 -14.97 2.78
C GLY A 32 11.71 -15.95 3.65
N GLU A 33 11.63 -15.66 4.94
CA GLU A 33 10.99 -16.55 5.91
C GLU A 33 9.47 -16.59 5.69
N VAL A 34 8.90 -15.49 5.22
CA VAL A 34 7.45 -15.41 5.06
C VAL A 34 6.95 -15.53 3.62
N ARG A 35 7.88 -15.71 2.67
CA ARG A 35 7.52 -15.67 1.25
C ARG A 35 6.50 -16.74 0.84
N GLU A 36 6.43 -17.86 1.56
CA GLU A 36 5.46 -18.87 1.20
C GLU A 36 4.02 -18.44 1.49
N TYR A 37 3.85 -17.41 2.32
CA TYR A 37 2.53 -16.90 2.73
C TYR A 37 2.10 -15.63 2.04
N ILE A 38 3.04 -14.96 1.35
N ILE A 38 3.05 -14.95 1.42
CA ILE A 38 2.86 -13.59 0.86
CA ILE A 38 2.78 -13.71 0.73
C ILE A 38 3.62 -13.37 -0.46
C ILE A 38 3.44 -13.75 -0.63
N ASP A 39 2.92 -12.94 -1.52
CA ASP A 39 3.59 -12.67 -2.79
C ASP A 39 3.59 -11.19 -3.16
N THR A 40 3.18 -10.32 -2.22
CA THR A 40 3.25 -8.88 -2.45
C THR A 40 3.92 -8.24 -1.24
N VAL A 41 4.96 -7.43 -1.47
CA VAL A 41 5.67 -6.75 -0.39
C VAL A 41 5.54 -5.24 -0.61
N LYS A 42 5.21 -4.53 0.46
CA LYS A 42 5.15 -3.07 0.43
C LYS A 42 6.48 -2.59 0.98
N ILE A 43 7.23 -1.84 0.16
CA ILE A 43 8.51 -1.30 0.58
C ILE A 43 8.35 0.23 0.65
N GLY A 44 8.82 0.81 1.75
CA GLY A 44 8.67 2.23 2.03
C GLY A 44 10.01 2.92 2.21
N TYR A 45 9.94 4.18 2.60
CA TYR A 45 11.15 4.94 2.77
C TYR A 45 12.07 4.45 3.91
N PRO A 46 11.53 3.89 5.00
CA PRO A 46 12.51 3.36 5.99
C PRO A 46 13.58 2.43 5.37
N LEU A 47 13.16 1.53 4.49
CA LEU A 47 14.13 0.61 3.90
C LEU A 47 14.88 1.27 2.74
N VAL A 48 14.14 1.92 1.84
CA VAL A 48 14.77 2.56 0.69
C VAL A 48 15.79 3.65 1.08
N LEU A 49 15.45 4.47 2.07
CA LEU A 49 16.39 5.56 2.43
C LEU A 49 17.60 5.00 3.19
N SER A 50 17.48 3.77 3.69
CA SER A 50 18.57 3.14 4.42
C SER A 50 19.48 2.31 3.52
N GLU A 51 18.91 1.71 2.48
CA GLU A 51 19.63 0.73 1.65
C GLU A 51 19.68 1.05 0.17
N GLY A 52 18.91 2.05 -0.26
CA GLY A 52 18.92 2.48 -1.65
C GLY A 52 17.79 1.92 -2.50
N MET A 53 17.47 2.61 -3.59
CA MET A 53 16.42 2.15 -4.50
C MET A 53 16.66 0.79 -5.15
N ASP A 54 17.93 0.38 -5.26
CA ASP A 54 18.24 -0.92 -5.85
C ASP A 54 17.64 -2.08 -5.04
N ILE A 55 17.26 -1.83 -3.78
CA ILE A 55 16.64 -2.87 -2.97
C ILE A 55 15.32 -3.35 -3.60
N ILE A 56 14.65 -2.49 -4.36
CA ILE A 56 13.38 -2.88 -4.98
C ILE A 56 13.58 -3.99 -6.03
N ALA A 57 14.52 -3.78 -6.95
CA ALA A 57 14.84 -4.81 -7.97
C ALA A 57 15.38 -6.05 -7.29
N GLU A 58 16.16 -5.88 -6.22
CA GLU A 58 16.73 -7.04 -5.55
C GLU A 58 15.61 -7.91 -4.96
N PHE A 59 14.65 -7.26 -4.33
CA PHE A 59 13.52 -8.00 -3.77
C PHE A 59 12.70 -8.68 -4.86
N ARG A 60 12.49 -7.98 -5.96
N ARG A 60 12.31 -7.91 -5.87
CA ARG A 60 11.77 -8.54 -7.10
CA ARG A 60 11.37 -8.41 -6.86
C ARG A 60 12.51 -9.75 -7.71
C ARG A 60 11.93 -9.68 -7.48
N LYS A 61 13.83 -9.65 -7.82
N LYS A 61 13.24 -9.67 -7.74
CA LYS A 61 14.63 -10.72 -8.42
CA LYS A 61 13.96 -10.79 -8.33
C LYS A 61 14.67 -11.95 -7.52
C LYS A 61 14.08 -11.95 -7.36
N ARG A 62 14.74 -11.72 -6.22
CA ARG A 62 15.04 -12.81 -5.32
C ARG A 62 13.83 -13.50 -4.72
N PHE A 63 12.72 -12.76 -4.57
CA PHE A 63 11.47 -13.34 -4.08
C PHE A 63 10.39 -13.52 -5.16
N GLY A 64 10.62 -12.96 -6.34
CA GLY A 64 9.62 -13.00 -7.40
C GLY A 64 8.26 -12.49 -6.92
N CYS A 65 8.29 -11.45 -6.08
N CYS A 65 8.28 -11.51 -6.02
CA CYS A 65 7.11 -10.85 -5.48
CA CYS A 65 7.05 -10.90 -5.52
C CYS A 65 6.78 -9.52 -6.15
C CYS A 65 6.68 -9.72 -6.40
N ARG A 66 5.50 -9.14 -6.09
N ARG A 66 5.56 -9.10 -6.07
CA ARG A 66 5.12 -7.81 -6.52
CA ARG A 66 5.31 -7.80 -6.62
C ARG A 66 5.67 -6.82 -5.48
C ARG A 66 5.50 -6.77 -5.51
N ILE A 67 5.98 -5.60 -5.90
CA ILE A 67 6.44 -4.58 -4.98
C ILE A 67 5.56 -3.34 -5.10
N ILE A 68 4.97 -2.94 -3.97
CA ILE A 68 4.27 -1.67 -3.91
C ILE A 68 5.19 -0.69 -3.18
N ALA A 69 5.51 0.43 -3.83
CA ALA A 69 6.40 1.44 -3.21
C ALA A 69 5.53 2.40 -2.40
N ASP A 70 5.66 2.33 -1.08
CA ASP A 70 4.85 3.19 -0.25
C ASP A 70 5.57 4.48 0.00
N PHE A 71 5.48 5.39 -0.97
CA PHE A 71 6.23 6.62 -0.91
C PHE A 71 5.34 7.82 -0.60
N LYS A 72 4.05 7.57 -0.38
CA LYS A 72 3.10 8.60 0.13
C LYS A 72 3.29 9.92 -0.64
N VAL A 73 3.32 9.79 -1.97
CA VAL A 73 3.76 10.90 -2.81
C VAL A 73 2.82 12.07 -2.56
N ALA A 74 3.41 13.22 -2.30
CA ALA A 74 2.61 14.33 -1.75
C ALA A 74 3.18 15.70 -2.14
N ASP A 75 3.58 15.85 -3.40
CA ASP A 75 4.22 17.09 -3.83
C ASP A 75 3.37 17.73 -4.93
N ILE A 76 3.91 18.79 -5.55
CA ILE A 76 3.28 19.41 -6.70
C ILE A 76 3.33 18.46 -7.92
N PRO A 77 2.49 18.70 -8.94
CA PRO A 77 2.48 17.76 -10.07
C PRO A 77 3.83 17.48 -10.71
N GLU A 78 4.61 18.53 -10.99
CA GLU A 78 5.89 18.32 -11.67
C GLU A 78 6.84 17.43 -10.88
N THR A 79 6.84 17.59 -9.57
CA THR A 79 7.73 16.81 -8.73
C THR A 79 7.21 15.37 -8.59
N ASN A 80 5.89 15.27 -8.47
CA ASN A 80 5.27 13.96 -8.37
C ASN A 80 5.62 13.13 -9.61
N GLU A 81 5.56 13.76 -10.78
N GLU A 81 5.62 13.70 -10.81
CA GLU A 81 5.95 13.09 -12.02
CA GLU A 81 6.00 12.89 -11.99
C GLU A 81 7.34 12.46 -11.91
C GLU A 81 7.42 12.32 -11.89
N LYS A 82 8.29 13.25 -11.42
N LYS A 82 8.34 13.17 -11.46
CA LYS A 82 9.67 12.81 -11.31
CA LYS A 82 9.73 12.80 -11.30
C LYS A 82 9.79 11.65 -10.33
C LYS A 82 9.88 11.68 -10.28
N ILE A 83 9.13 11.77 -9.18
CA ILE A 83 9.17 10.71 -8.16
C ILE A 83 8.62 9.39 -8.71
N CYS A 84 7.48 9.47 -9.40
CA CYS A 84 6.90 8.26 -9.97
C CYS A 84 7.81 7.65 -11.03
N ARG A 85 8.39 8.48 -11.89
CA ARG A 85 9.27 7.97 -12.93
C ARG A 85 10.47 7.24 -12.32
N ALA A 86 11.09 7.83 -11.30
CA ALA A 86 12.22 7.19 -10.64
C ALA A 86 11.83 5.88 -9.98
N THR A 87 10.60 5.83 -9.46
CA THR A 87 10.17 4.66 -8.67
C THR A 87 9.88 3.49 -9.59
N PHE A 88 9.21 3.79 -10.70
CA PHE A 88 8.95 2.73 -11.69
C PHE A 88 10.22 2.25 -12.42
N LYS A 89 11.15 3.17 -12.71
CA LYS A 89 12.45 2.82 -13.25
C LYS A 89 13.14 1.82 -12.33
N ALA A 90 12.93 1.98 -11.02
CA ALA A 90 13.56 1.11 -10.05
C ALA A 90 12.89 -0.26 -9.98
N GLY A 91 11.77 -0.42 -10.67
CA GLY A 91 11.10 -1.72 -10.76
C GLY A 91 9.84 -1.91 -9.93
N ALA A 92 9.36 -0.86 -9.25
CA ALA A 92 8.14 -1.00 -8.47
C ALA A 92 6.95 -1.29 -9.39
N ASP A 93 6.06 -2.15 -8.92
CA ASP A 93 4.82 -2.44 -9.66
C ASP A 93 3.73 -1.38 -9.47
N ALA A 94 3.72 -0.74 -8.31
CA ALA A 94 2.71 0.24 -7.95
C ALA A 94 3.35 1.25 -7.00
N ILE A 95 2.72 2.41 -6.92
CA ILE A 95 3.14 3.46 -5.99
C ILE A 95 1.94 3.98 -5.22
N ILE A 96 2.16 4.30 -3.95
CA ILE A 96 1.10 4.84 -3.11
C ILE A 96 1.24 6.37 -3.06
N VAL A 97 0.13 7.05 -3.35
N VAL A 97 0.13 7.05 -3.35
CA VAL A 97 0.14 8.51 -3.45
CA VAL A 97 0.08 8.51 -3.52
C VAL A 97 -0.94 9.12 -2.54
C VAL A 97 -0.97 9.16 -2.60
N HIS A 98 -0.63 10.28 -1.95
CA HIS A 98 -1.62 11.02 -1.16
C HIS A 98 -2.59 11.75 -2.08
N GLY A 99 -3.87 11.76 -1.70
CA GLY A 99 -4.88 12.58 -2.37
C GLY A 99 -5.04 14.01 -1.83
N PHE A 100 -4.64 14.25 -0.57
N PHE A 100 -4.63 14.25 -0.59
CA PHE A 100 -4.83 15.56 0.08
CA PHE A 100 -4.91 15.56 -0.01
C PHE A 100 -4.30 16.74 -0.76
C PHE A 100 -4.28 16.76 -0.75
N PRO A 101 -3.13 16.58 -1.43
CA PRO A 101 -2.66 17.70 -2.26
C PRO A 101 -3.48 18.04 -3.52
N GLY A 102 -4.49 17.25 -3.83
CA GLY A 102 -5.41 17.62 -4.91
C GLY A 102 -5.28 16.85 -6.20
N ALA A 103 -6.20 17.15 -7.13
CA ALA A 103 -6.40 16.30 -8.29
C ALA A 103 -5.26 16.38 -9.28
N ASP A 104 -4.65 17.55 -9.41
CA ASP A 104 -3.57 17.67 -10.36
C ASP A 104 -2.35 16.87 -9.92
N SER A 105 -2.10 16.84 -8.61
CA SER A 105 -1.00 16.06 -8.09
C SER A 105 -1.21 14.57 -8.33
N VAL A 106 -2.45 14.12 -8.12
CA VAL A 106 -2.79 12.72 -8.36
C VAL A 106 -2.71 12.39 -9.87
N ARG A 107 -3.26 13.26 -10.71
N ARG A 107 -3.25 13.28 -10.69
CA ARG A 107 -3.21 13.02 -12.15
CA ARG A 107 -3.24 13.13 -12.14
C ARG A 107 -1.78 12.88 -12.67
C ARG A 107 -1.82 12.94 -12.69
N ALA A 108 -0.86 13.67 -12.11
CA ALA A 108 0.53 13.58 -12.51
C ALA A 108 1.04 12.14 -12.31
N CYS A 109 0.65 11.52 -11.19
CA CYS A 109 1.11 10.16 -10.89
C CYS A 109 0.43 9.18 -11.86
N LEU A 110 -0.87 9.34 -12.05
CA LEU A 110 -1.61 8.50 -13.01
C LEU A 110 -1.01 8.58 -14.42
N ASN A 111 -0.61 9.78 -14.86
CA ASN A 111 0.00 9.93 -16.18
C ASN A 111 1.29 9.13 -16.32
N VAL A 112 2.18 9.20 -15.34
CA VAL A 112 3.39 8.42 -15.40
C VAL A 112 3.07 6.91 -15.32
N ALA A 113 2.13 6.50 -14.47
CA ALA A 113 1.77 5.08 -14.37
C ALA A 113 1.28 4.59 -15.73
N GLU A 114 0.53 5.43 -16.44
CA GLU A 114 0.01 5.05 -17.77
C GLU A 114 1.16 4.86 -18.75
N GLU A 115 2.12 5.78 -18.73
N GLU A 115 2.15 5.75 -18.73
N GLU A 115 2.13 5.78 -18.72
CA GLU A 115 3.27 5.72 -19.64
CA GLU A 115 3.22 5.68 -19.70
CA GLU A 115 3.29 5.77 -19.59
C GLU A 115 4.10 4.47 -19.42
C GLU A 115 4.24 4.57 -19.39
C GLU A 115 4.10 4.49 -19.42
N MET A 116 4.20 4.06 -18.16
CA MET A 116 5.12 3.01 -17.77
C MET A 116 4.45 1.67 -17.52
N GLY A 117 3.14 1.61 -17.70
CA GLY A 117 2.39 0.36 -17.54
C GLY A 117 2.32 -0.11 -16.09
N ARG A 118 2.14 0.84 -15.17
N ARG A 118 2.23 0.82 -15.15
CA ARG A 118 2.11 0.59 -13.73
CA ARG A 118 2.14 0.44 -13.74
C ARG A 118 0.80 1.02 -13.04
C ARG A 118 0.91 1.05 -13.04
N GLU A 119 0.77 0.92 -11.72
N GLU A 119 0.78 0.88 -11.73
CA GLU A 119 -0.45 1.20 -10.96
CA GLU A 119 -0.44 1.34 -11.08
C GLU A 119 -0.22 2.23 -9.86
C GLU A 119 -0.19 2.32 -9.94
N VAL A 120 -1.25 3.03 -9.61
CA VAL A 120 -1.26 4.02 -8.52
C VAL A 120 -2.31 3.59 -7.51
N PHE A 121 -1.93 3.59 -6.24
CA PHE A 121 -2.91 3.46 -5.14
C PHE A 121 -3.10 4.82 -4.52
N LEU A 122 -4.36 5.18 -4.30
CA LEU A 122 -4.71 6.47 -3.68
C LEU A 122 -4.98 6.31 -2.18
N LEU A 123 -4.23 7.07 -1.39
N LEU A 123 -4.27 7.05 -1.36
CA LEU A 123 -4.41 7.19 0.06
CA LEU A 123 -4.44 6.99 0.09
C LEU A 123 -5.60 8.10 0.38
C LEU A 123 -5.65 7.85 0.47
N THR A 124 -6.50 7.59 1.24
N THR A 124 -6.67 7.25 1.10
CA THR A 124 -7.81 8.20 1.54
CA THR A 124 -7.75 8.07 1.64
C THR A 124 -8.06 8.75 2.99
C THR A 124 -7.41 8.28 3.13
N GLU A 125 -8.30 7.89 3.99
CA GLU A 125 -8.15 8.26 5.41
C GLU A 125 -7.06 7.36 6.00
N MET A 126 -6.22 7.91 6.88
CA MET A 126 -5.12 7.15 7.47
C MET A 126 -5.52 6.50 8.80
N SER A 127 -4.69 5.57 9.27
CA SER A 127 -5.07 4.70 10.37
C SER A 127 -4.73 5.25 11.77
N HIS A 128 -3.80 6.19 11.83
CA HIS A 128 -3.26 6.65 13.12
C HIS A 128 -4.16 7.73 13.75
N PRO A 129 -4.02 7.98 15.06
CA PRO A 129 -4.91 8.93 15.74
C PRO A 129 -4.97 10.32 15.10
N GLY A 130 -3.83 10.85 14.66
CA GLY A 130 -3.78 12.18 14.08
C GLY A 130 -4.59 12.32 12.81
N ALA A 131 -4.94 11.21 12.16
CA ALA A 131 -5.74 11.26 10.93
C ALA A 131 -7.09 11.95 11.19
N GLU A 132 -7.54 11.92 12.44
CA GLU A 132 -8.82 12.56 12.77
C GLU A 132 -8.81 14.09 12.59
N MET A 133 -7.62 14.68 12.63
CA MET A 133 -7.53 16.13 12.67
C MET A 133 -7.92 16.80 11.37
N PHE A 134 -7.34 16.33 10.27
CA PHE A 134 -7.59 16.93 8.96
C PHE A 134 -8.01 15.95 7.87
N ILE A 135 -7.40 14.76 7.85
CA ILE A 135 -7.64 13.83 6.74
C ILE A 135 -9.04 13.24 6.77
N GLN A 136 -9.50 12.85 7.95
CA GLN A 136 -10.79 12.20 8.08
C GLN A 136 -11.91 13.05 7.48
N GLY A 137 -11.89 14.36 7.75
CA GLY A 137 -12.92 15.27 7.22
C GLY A 137 -12.91 15.44 5.72
N ALA A 138 -11.76 15.19 5.10
CA ALA A 138 -11.62 15.33 3.66
C ALA A 138 -11.71 13.98 2.93
N ALA A 139 -11.72 12.88 3.69
CA ALA A 139 -11.48 11.57 3.10
C ALA A 139 -12.54 11.14 2.09
N ASP A 140 -13.82 11.37 2.40
CA ASP A 140 -14.87 10.98 1.45
C ASP A 140 -14.68 11.72 0.13
N GLU A 141 -14.39 13.02 0.20
N GLU A 141 -14.39 13.01 0.19
CA GLU A 141 -14.16 13.83 -1.00
CA GLU A 141 -14.16 13.82 -1.01
C GLU A 141 -12.90 13.41 -1.77
C GLU A 141 -12.91 13.38 -1.78
N ILE A 142 -11.86 13.00 -1.05
CA ILE A 142 -10.63 12.51 -1.69
C ILE A 142 -10.96 11.21 -2.44
N ALA A 143 -11.77 10.36 -1.83
CA ALA A 143 -12.14 9.11 -2.47
C ALA A 143 -12.99 9.37 -3.73
N ARG A 144 -13.92 10.33 -3.63
N ARG A 144 -13.93 10.31 -3.62
CA ARG A 144 -14.76 10.67 -4.78
CA ARG A 144 -14.77 10.67 -4.78
C ARG A 144 -13.95 11.30 -5.92
C ARG A 144 -13.91 11.23 -5.91
N MET A 145 -12.95 12.08 -5.55
CA MET A 145 -11.97 12.60 -6.51
C MET A 145 -11.26 11.46 -7.24
N GLY A 146 -10.81 10.47 -6.46
CA GLY A 146 -10.22 9.26 -7.01
C GLY A 146 -11.12 8.61 -8.06
N VAL A 147 -12.38 8.41 -7.70
CA VAL A 147 -13.33 7.78 -8.63
C VAL A 147 -13.42 8.59 -9.93
N ASP A 148 -13.52 9.92 -9.78
N ASP A 148 -13.56 9.92 -9.78
CA ASP A 148 -13.67 10.83 -10.92
CA ASP A 148 -13.64 10.87 -10.90
C ASP A 148 -12.41 10.97 -11.78
C ASP A 148 -12.43 10.72 -11.82
N LEU A 149 -11.25 10.61 -11.22
CA LEU A 149 -10.00 10.53 -11.97
C LEU A 149 -9.73 9.15 -12.58
N GLY A 150 -10.57 8.18 -12.23
CA GLY A 150 -10.42 6.83 -12.76
C GLY A 150 -9.46 5.95 -11.96
N VAL A 151 -9.14 6.40 -10.74
CA VAL A 151 -8.32 5.60 -9.83
C VAL A 151 -9.05 4.29 -9.48
N LYS A 152 -8.32 3.18 -9.53
CA LYS A 152 -8.93 1.88 -9.30
C LYS A 152 -8.43 1.18 -8.05
N ASN A 153 -7.43 1.76 -7.41
CA ASN A 153 -6.74 1.11 -6.29
C ASN A 153 -6.65 2.11 -5.15
N TYR A 154 -7.05 1.69 -3.95
CA TYR A 154 -7.19 2.59 -2.81
C TYR A 154 -6.61 2.00 -1.55
N VAL A 155 -6.25 2.88 -0.62
CA VAL A 155 -5.78 2.46 0.71
C VAL A 155 -6.69 3.11 1.74
N GLY A 156 -7.14 2.33 2.73
CA GLY A 156 -8.02 2.86 3.76
C GLY A 156 -7.73 2.16 5.07
N PRO A 157 -8.22 2.72 6.19
CA PRO A 157 -7.70 2.37 7.53
C PRO A 157 -8.32 1.17 8.28
N SER A 158 -7.49 0.18 8.61
CA SER A 158 -7.97 -1.00 9.36
C SER A 158 -8.52 -0.61 10.73
N THR A 159 -7.95 0.45 11.31
CA THR A 159 -8.31 0.89 12.66
C THR A 159 -9.70 1.56 12.76
N ARG A 160 -10.32 1.87 11.61
CA ARG A 160 -11.66 2.45 11.60
C ARG A 160 -12.52 1.74 10.55
N PRO A 161 -13.01 0.52 10.88
CA PRO A 161 -13.79 -0.22 9.88
C PRO A 161 -15.08 0.47 9.39
N GLU A 162 -15.67 1.33 10.21
CA GLU A 162 -16.84 2.08 9.76
C GLU A 162 -16.43 3.05 8.65
N ARG A 163 -15.21 3.59 8.75
CA ARG A 163 -14.68 4.44 7.67
C ARG A 163 -14.31 3.61 6.43
N LEU A 164 -13.75 2.43 6.65
N LEU A 164 -13.73 2.43 6.62
CA LEU A 164 -13.46 1.50 5.56
CA LEU A 164 -13.50 1.52 5.50
C LEU A 164 -14.70 1.05 4.80
C LEU A 164 -14.79 1.23 4.76
N SER A 165 -15.82 0.91 5.53
CA SER A 165 -17.13 0.62 4.93
C SER A 165 -17.62 1.79 4.06
N ARG A 166 -17.58 3.00 4.61
CA ARG A 166 -17.96 4.20 3.87
C ARG A 166 -17.09 4.36 2.62
N LEU A 167 -15.79 4.07 2.75
CA LEU A 167 -14.87 4.16 1.58
C LEU A 167 -15.24 3.15 0.49
N ARG A 168 -15.49 1.91 0.92
CA ARG A 168 -15.91 0.87 -0.01
C ARG A 168 -17.18 1.30 -0.73
N GLU A 169 -18.08 1.97 0.00
CA GLU A 169 -19.35 2.42 -0.54
C GLU A 169 -19.12 3.41 -1.69
N ILE A 170 -18.12 4.29 -1.52
CA ILE A 170 -17.82 5.31 -2.52
C ILE A 170 -17.11 4.70 -3.73
N ILE A 171 -16.12 3.85 -3.50
CA ILE A 171 -15.31 3.32 -4.60
C ILE A 171 -15.91 2.12 -5.31
N GLY A 172 -16.93 1.52 -4.70
CA GLY A 172 -17.60 0.38 -5.34
C GLY A 172 -16.86 -0.93 -5.20
N GLN A 173 -17.47 -2.01 -5.68
CA GLN A 173 -16.97 -3.35 -5.45
C GLN A 173 -15.88 -3.76 -6.44
N ASP A 174 -15.79 -3.06 -7.56
CA ASP A 174 -14.76 -3.42 -8.53
C ASP A 174 -13.40 -2.78 -8.26
N SER A 175 -13.38 -1.71 -7.47
CA SER A 175 -12.10 -1.11 -7.05
C SER A 175 -11.37 -2.04 -6.07
N PHE A 176 -10.04 -1.96 -6.06
CA PHE A 176 -9.21 -2.80 -5.22
C PHE A 176 -8.83 -1.95 -4.02
N LEU A 177 -8.95 -2.52 -2.83
CA LEU A 177 -8.79 -1.76 -1.60
C LEU A 177 -7.86 -2.53 -0.64
N ILE A 178 -6.77 -1.89 -0.26
CA ILE A 178 -5.83 -2.52 0.69
C ILE A 178 -5.81 -1.71 1.97
N SER A 179 -5.51 -2.35 3.08
CA SER A 179 -5.76 -1.71 4.38
C SER A 179 -4.66 -1.96 5.40
N PRO A 180 -3.90 -0.91 5.76
CA PRO A 180 -2.90 -1.00 6.83
C PRO A 180 -3.48 -0.64 8.19
N GLY A 181 -2.69 -0.92 9.23
CA GLY A 181 -3.11 -0.67 10.60
C GLY A 181 -3.55 -1.94 11.31
N VAL A 182 -3.23 -3.10 10.71
CA VAL A 182 -3.60 -4.41 11.25
C VAL A 182 -2.53 -4.87 12.21
N GLY A 183 -2.94 -5.28 13.42
CA GLY A 183 -2.01 -5.79 14.43
C GLY A 183 -1.50 -4.69 15.34
N ALA A 184 -0.28 -4.22 15.06
CA ALA A 184 0.38 -3.24 15.92
C ALA A 184 -0.50 -2.03 16.20
N GLN A 185 -1.16 -1.50 15.18
CA GLN A 185 -1.94 -0.27 15.36
C GLN A 185 -3.33 -0.53 15.93
N GLY A 186 -3.71 -1.79 16.04
CA GLY A 186 -4.97 -2.16 16.68
C GLY A 186 -6.02 -2.79 15.78
N GLY A 187 -5.81 -2.74 14.46
CA GLY A 187 -6.78 -3.34 13.54
C GLY A 187 -6.83 -4.86 13.56
N ASP A 188 -8.00 -5.38 13.21
CA ASP A 188 -8.23 -6.83 13.16
C ASP A 188 -8.27 -7.36 11.73
N PRO A 189 -7.50 -8.44 11.43
CA PRO A 189 -7.52 -8.99 10.07
C PRO A 189 -8.91 -9.33 9.54
N GLY A 190 -9.67 -10.12 10.32
CA GLY A 190 -10.97 -10.56 9.86
C GLY A 190 -11.95 -9.44 9.61
N GLU A 191 -12.06 -8.51 10.56
CA GLU A 191 -12.99 -7.38 10.43
C GLU A 191 -12.58 -6.51 9.23
N THR A 192 -11.29 -6.32 9.06
CA THR A 192 -10.82 -5.43 7.99
C THR A 192 -11.16 -6.03 6.63
N LEU A 193 -11.06 -7.35 6.54
CA LEU A 193 -11.33 -8.07 5.30
C LEU A 193 -12.81 -8.18 4.95
N ARG A 194 -13.69 -7.67 5.81
CA ARG A 194 -15.10 -7.53 5.43
C ARG A 194 -15.21 -6.47 4.33
N PHE A 195 -14.28 -5.51 4.33
CA PHE A 195 -14.33 -4.38 3.41
C PHE A 195 -13.15 -4.28 2.46
N ALA A 196 -11.95 -4.59 2.95
CA ALA A 196 -10.75 -4.51 2.11
C ALA A 196 -10.51 -5.81 1.35
N ASP A 197 -9.86 -5.73 0.19
CA ASP A 197 -9.45 -6.90 -0.54
C ASP A 197 -8.20 -7.58 0.04
N ALA A 198 -7.33 -6.77 0.64
CA ALA A 198 -6.11 -7.29 1.24
C ALA A 198 -5.73 -6.42 2.43
N ILE A 199 -5.06 -7.04 3.38
CA ILE A 199 -4.57 -6.34 4.54
C ILE A 199 -3.05 -6.23 4.44
N ILE A 200 -2.56 -5.10 4.94
CA ILE A 200 -1.12 -4.86 5.06
C ILE A 200 -0.70 -5.09 6.52
N VAL A 201 0.35 -5.87 6.72
CA VAL A 201 0.85 -6.15 8.08
C VAL A 201 2.37 -5.96 8.14
N GLY A 202 2.84 -5.11 9.07
CA GLY A 202 4.27 -4.86 9.24
C GLY A 202 4.78 -5.51 10.51
N ARG A 203 4.80 -4.71 11.57
CA ARG A 203 5.46 -5.11 12.84
C ARG A 203 4.96 -6.42 13.42
N SER A 204 3.65 -6.69 13.36
CA SER A 204 3.11 -7.97 13.87
C SER A 204 3.81 -9.19 13.27
N ILE A 205 4.34 -9.02 12.06
CA ILE A 205 5.14 -10.07 11.43
C ILE A 205 6.64 -9.82 11.63
N TYR A 206 7.13 -8.64 11.24
CA TYR A 206 8.59 -8.50 11.15
C TYR A 206 9.31 -8.29 12.48
N LEU A 207 8.57 -7.94 13.54
CA LEU A 207 9.14 -7.87 14.88
C LEU A 207 8.85 -9.13 15.71
N ALA A 208 8.08 -10.06 15.14
CA ALA A 208 7.76 -11.32 15.83
C ALA A 208 9.01 -12.17 16.06
N ASP A 209 8.99 -12.95 17.13
CA ASP A 209 10.10 -13.89 17.32
C ASP A 209 10.20 -14.90 16.16
N ASN A 210 9.05 -15.27 15.59
CA ASN A 210 8.97 -16.17 14.46
C ASN A 210 8.00 -15.57 13.44
N PRO A 211 8.54 -14.75 12.52
CA PRO A 211 7.69 -14.15 11.47
C PRO A 211 6.86 -15.08 10.62
N ALA A 212 7.42 -16.23 10.25
CA ALA A 212 6.67 -17.25 9.52
C ALA A 212 5.47 -17.72 10.33
N ALA A 213 5.65 -17.95 11.63
CA ALA A 213 4.54 -18.36 12.50
C ALA A 213 3.50 -17.25 12.64
N ALA A 214 3.97 -16.01 12.75
CA ALA A 214 3.08 -14.85 12.79
C ALA A 214 2.24 -14.75 11.53
N ALA A 215 2.87 -14.84 10.36
CA ALA A 215 2.16 -14.77 9.08
C ALA A 215 1.16 -15.93 8.97
N ALA A 216 1.60 -17.11 9.36
CA ALA A 216 0.75 -18.31 9.29
C ALA A 216 -0.47 -18.18 10.17
N GLY A 217 -0.29 -17.62 11.38
CA GLY A 217 -1.37 -17.40 12.31
C GLY A 217 -2.40 -16.45 11.72
N ILE A 218 -1.91 -15.38 11.11
CA ILE A 218 -2.81 -14.44 10.45
C ILE A 218 -3.63 -15.13 9.34
N ILE A 219 -2.95 -15.91 8.51
CA ILE A 219 -3.59 -16.58 7.37
C ILE A 219 -4.65 -17.61 7.80
N GLU A 220 -4.37 -18.31 8.89
N GLU A 220 -4.35 -18.31 8.89
CA GLU A 220 -5.34 -19.27 9.44
CA GLU A 220 -5.29 -19.21 9.56
C GLU A 220 -6.53 -18.56 10.07
C GLU A 220 -6.58 -18.45 9.88
N SER A 221 -6.34 -17.31 10.48
N SER A 221 -6.46 -17.43 10.71
CA SER A 221 -7.40 -16.55 11.12
CA SER A 221 -7.60 -16.62 11.13
C SER A 221 -8.31 -15.86 10.10
C SER A 221 -8.53 -16.30 9.98
N ILE A 222 -7.96 -15.97 8.82
CA ILE A 222 -8.73 -15.42 7.72
C ILE A 222 -9.14 -16.40 6.61
N LYS A 223 -8.56 -17.61 6.61
CA LYS A 223 -9.10 -18.68 5.77
C LYS A 223 -10.45 -19.12 6.32
N ASP A 224 -10.64 -18.91 7.63
CA ASP A 224 -11.91 -19.08 8.31
C ASP A 224 -12.95 -18.08 7.77
C1 GOL B . 12.28 -19.26 9.65
O1 GOL B . 10.91 -19.45 9.40
C2 GOL B . 12.66 -20.07 10.88
O2 GOL B . 12.27 -21.40 10.57
C3 GOL B . 11.84 -19.55 12.05
O3 GOL B . 11.87 -18.15 12.21
P PFU C . 2.46 -1.84 10.89
C1 PFU C . 0.71 2.73 7.05
N1 PFU C . -1.19 3.32 8.14
O1 PFU C . 0.09 3.77 4.78
C2 PFU C . -0.19 3.47 6.18
N2 PFU C . 0.05 2.67 8.22
O2 PFU C . -3.55 4.48 7.03
C3 PFU C . -1.38 3.86 6.92
N3 PFU C . -2.51 4.98 5.06
C4 PFU C . -2.56 4.53 6.33
C1' PFU C . 2.00 2.16 6.66
O1P PFU C . 3.83 -2.06 11.45
C2' PFU C . 3.00 2.34 7.78
O2' PFU C . 3.84 3.45 7.45
O2P PFU C . 1.70 -3.10 10.55
C3' PFU C . 3.76 1.03 7.69
O3' PFU C . 4.66 1.04 6.55
O3P PFU C . 1.68 -0.82 11.69
C4' PFU C . 2.63 0.04 7.42
O4' PFU C . 1.72 0.75 6.59
C5' PFU C . 1.92 -0.42 8.71
O5' PFU C . 2.86 -1.17 9.46
#